data_7G90
#
_entry.id   7G90
#
_cell.length_a   70.984
_cell.length_b   70.984
_cell.length_c   196.031
_cell.angle_alpha   90.000
_cell.angle_beta   90.000
_cell.angle_gamma   90.000
#
_symmetry.space_group_name_H-M   'P 43 21 2'
#
loop_
_entity.id
_entity.type
_entity.pdbx_description
1 polymer 'Transforming protein RhoA'
2 polymer 'Rho guanine nucleotide exchange factor 2'
3 non-polymer 4-[(3S)-piperidin-3-yl]-1H-indole
4 non-polymer 'DIMETHYL SULFOXIDE'
5 non-polymer 'FORMIC ACID'
6 water water
#
loop_
_entity_poly.entity_id
_entity_poly.type
_entity_poly.pdbx_seq_one_letter_code
_entity_poly.pdbx_strand_id
1 'polypeptide(L)'
;SMAAIRKKLVIVGDGACGKTCLLIVFSKDQFPEVYVPTVFENYVADIEVDGKQVELALWDTAGQEDYDRLRPLSYPDTDV
ILMCFSIDSPDSLENIPEKWTPEVKHFCPNVPIILVGNKKDLRNDEHTRRELAKMKQEPVKPEEGRDMANRIGAFGYMEC
SAKTKDGVREVFEMATRAALQARRG
;
A
2 'polypeptide(L)'
;SMEMDEKDFAADSWSLAVDSSFLQQHKKEVMKQQDVIYELIQTELHHVRTLKIMTRLFRTGMLEELHLEPGVVQGLFPCV
DELSDIHTRFLSQLLERRRQALCPGSTRNFVIHRLGDLLISQFSGPSAEQMCKTYSEFCSRHSKALKLYKELYARDKRFQ
QFIRKVTRPAVLKRHGVQECILLVTQRITKYPLLISRILQHSHGIEEERQDLTTALGLVKELLSNVDEGIYQLEKGARLQ
EIYNR
;
B
#
# COMPACT_ATOMS: atom_id res chain seq x y z
N ALA A 4 17.87 6.49 -17.45
CA ALA A 4 17.39 6.36 -16.07
C ALA A 4 17.42 4.90 -15.57
N ILE A 5 17.99 4.71 -14.40
CA ILE A 5 18.09 3.39 -13.80
C ILE A 5 16.92 3.20 -12.81
N ARG A 6 16.43 1.96 -12.67
CA ARG A 6 15.32 1.67 -11.76
C ARG A 6 15.82 1.17 -10.37
N LYS A 7 15.41 1.86 -9.32
CA LYS A 7 15.75 1.49 -7.95
C LYS A 7 14.45 1.35 -7.13
N LYS A 8 14.46 0.52 -6.08
CA LYS A 8 13.30 0.28 -5.26
C LYS A 8 13.57 0.72 -3.82
N LEU A 9 12.64 1.48 -3.26
CA LEU A 9 12.73 1.95 -1.89
C LEU A 9 11.52 1.40 -1.10
N VAL A 10 11.77 0.90 0.13
CA VAL A 10 10.73 0.42 1.03
C VAL A 10 10.85 1.12 2.37
N ILE A 11 9.71 1.59 2.90
CA ILE A 11 9.73 2.23 4.20
CA ILE A 11 9.70 2.24 4.20
C ILE A 11 9.16 1.29 5.26
N VAL A 12 9.90 1.15 6.35
CA VAL A 12 9.53 0.27 7.45
CA VAL A 12 9.58 0.26 7.45
C VAL A 12 9.48 1.08 8.76
N GLY A 13 8.77 0.55 9.76
CA GLY A 13 8.60 1.23 11.03
C GLY A 13 7.27 0.95 11.67
N ASP A 14 7.12 1.33 12.96
CA ASP A 14 5.87 1.09 13.68
C ASP A 14 4.67 1.80 13.05
N GLY A 15 3.47 1.30 13.40
CA GLY A 15 2.18 1.78 12.92
C GLY A 15 1.98 3.27 12.91
N ALA A 16 2.39 3.97 13.98
CA ALA A 16 2.19 5.42 14.02
C ALA A 16 3.52 6.23 13.82
N CYS A 17 4.50 5.65 13.12
CA CYS A 17 5.77 6.34 12.87
C CYS A 17 5.65 7.46 11.81
N GLY A 18 4.52 7.54 11.09
CA GLY A 18 4.29 8.55 10.07
C GLY A 18 4.86 8.24 8.69
N LYS A 19 5.11 6.95 8.39
CA LYS A 19 5.68 6.56 7.09
CA LYS A 19 5.67 6.56 7.10
C LYS A 19 4.76 6.81 5.89
N THR A 20 3.41 6.61 6.05
CA THR A 20 2.43 6.81 5.00
C THR A 20 2.35 8.29 4.66
N CYS A 21 2.28 9.15 5.67
CA CYS A 21 2.29 10.58 5.43
C CYS A 21 3.55 11.06 4.71
N LEU A 22 4.73 10.51 5.05
CA LEU A 22 5.99 10.89 4.41
C LEU A 22 5.96 10.56 2.89
N LEU A 23 5.54 9.32 2.52
CA LEU A 23 5.40 8.90 1.12
C LEU A 23 4.38 9.76 0.34
N ILE A 24 3.24 10.08 0.96
CA ILE A 24 2.20 10.90 0.32
C ILE A 24 2.73 12.31 0.02
N VAL A 25 3.33 12.96 1.02
CA VAL A 25 3.85 14.31 0.89
C VAL A 25 4.96 14.42 -0.19
N PHE A 26 5.84 13.42 -0.30
CA PHE A 26 6.88 13.45 -1.32
C PHE A 26 6.30 13.21 -2.72
N SER A 27 5.42 12.20 -2.87
CA SER A 27 4.84 11.83 -4.16
C SER A 27 3.90 12.91 -4.71
N LYS A 28 3.12 13.56 -3.84
CA LYS A 28 2.28 14.68 -4.29
C LYS A 28 3.11 15.97 -4.45
N ASP A 29 4.23 16.10 -3.70
CA ASP A 29 5.17 17.21 -3.60
C ASP A 29 4.57 18.40 -2.82
N GLN A 30 3.76 18.07 -1.80
CA GLN A 30 3.11 19.03 -0.92
C GLN A 30 2.29 18.31 0.17
N PHE A 31 1.88 19.03 1.24
CA PHE A 31 1.05 18.42 2.27
C PHE A 31 -0.40 18.62 1.82
N PRO A 32 -1.11 17.51 1.47
CA PRO A 32 -2.51 17.63 0.98
C PRO A 32 -3.42 18.47 1.87
N GLU A 33 -4.05 19.50 1.29
CA GLU A 33 -4.85 20.46 2.05
C GLU A 33 -6.30 20.07 2.27
N VAL A 34 -6.91 19.38 1.32
CA VAL A 34 -8.33 19.02 1.41
C VAL A 34 -8.55 17.69 2.12
N TYR A 35 -7.71 16.68 1.86
CA TYR A 35 -7.87 15.36 2.46
C TYR A 35 -6.54 14.64 2.48
N VAL A 36 -6.16 14.03 3.61
CA VAL A 36 -4.93 13.25 3.67
C VAL A 36 -5.36 11.79 3.49
N PRO A 37 -4.87 11.11 2.45
CA PRO A 37 -5.27 9.69 2.27
C PRO A 37 -4.85 8.77 3.42
N THR A 38 -5.67 7.75 3.66
CA THR A 38 -5.42 6.75 4.67
C THR A 38 -4.29 5.82 4.23
N VAL A 39 -4.26 5.48 2.92
CA VAL A 39 -3.28 4.54 2.44
C VAL A 39 -2.48 5.07 1.25
N PHE A 40 -1.35 4.43 0.99
CA PHE A 40 -0.47 4.71 -0.11
C PHE A 40 -0.35 3.39 -0.92
N GLU A 41 -0.61 3.42 -2.24
CA GLU A 41 -0.54 2.22 -3.08
C GLU A 41 0.94 1.97 -3.51
N ASN A 42 1.44 2.77 -4.46
CA ASN A 42 2.84 2.80 -4.89
C ASN A 42 3.04 4.11 -5.69
N TYR A 43 4.28 4.39 -6.08
CA TYR A 43 4.61 5.56 -6.85
C TYR A 43 6.02 5.36 -7.48
N VAL A 44 6.26 5.89 -8.67
CA VAL A 44 7.58 5.81 -9.30
C VAL A 44 8.07 7.23 -9.48
N ALA A 45 8.97 7.70 -8.61
CA ALA A 45 9.44 9.08 -8.67
C ALA A 45 10.56 9.28 -9.69
N ASP A 46 10.53 10.40 -10.42
CA ASP A 46 11.61 10.73 -11.35
C ASP A 46 12.52 11.65 -10.57
N ILE A 47 13.71 11.18 -10.22
CA ILE A 47 14.65 11.96 -9.41
CA ILE A 47 14.62 12.00 -9.45
C ILE A 47 15.98 12.15 -10.12
N GLU A 48 16.60 13.32 -9.98
CA GLU A 48 17.93 13.56 -10.51
CA GLU A 48 17.93 13.57 -10.51
C GLU A 48 18.82 13.98 -9.35
N VAL A 49 19.72 13.10 -8.94
CA VAL A 49 20.60 13.41 -7.83
C VAL A 49 22.07 13.28 -8.25
N ASP A 50 22.84 14.35 -7.98
CA ASP A 50 24.26 14.46 -8.30
C ASP A 50 24.55 14.17 -9.80
N GLY A 51 23.66 14.61 -10.67
CA GLY A 51 23.83 14.42 -12.11
C GLY A 51 23.30 13.09 -12.64
N LYS A 52 22.74 12.22 -11.78
CA LYS A 52 22.25 10.91 -12.23
C LYS A 52 20.74 10.83 -12.19
N GLN A 53 20.13 10.36 -13.29
CA GLN A 53 18.68 10.22 -13.40
CA GLN A 53 18.69 10.23 -13.39
C GLN A 53 18.23 8.83 -12.96
N VAL A 54 17.32 8.78 -11.97
CA VAL A 54 16.83 7.52 -11.42
C VAL A 54 15.29 7.48 -11.36
N GLU A 55 14.69 6.30 -11.63
CA GLU A 55 13.28 6.05 -11.42
C GLU A 55 13.24 5.35 -10.05
N LEU A 56 12.73 6.02 -9.03
CA LEU A 56 12.68 5.43 -7.68
C LEU A 56 11.24 4.92 -7.35
N ALA A 57 11.04 3.59 -7.31
CA ALA A 57 9.75 3.04 -6.96
C ALA A 57 9.63 3.10 -5.44
N LEU A 58 8.51 3.62 -4.94
CA LEU A 58 8.26 3.83 -3.52
C LEU A 58 7.20 2.86 -3.00
N TRP A 59 7.53 2.20 -1.87
CA TRP A 59 6.62 1.25 -1.26
C TRP A 59 6.54 1.46 0.25
N ASP A 60 5.36 1.19 0.80
CA ASP A 60 5.03 1.31 2.21
C ASP A 60 4.73 -0.11 2.75
N THR A 61 4.97 -0.31 4.05
CA THR A 61 4.62 -1.56 4.72
C THR A 61 3.46 -1.36 5.74
N ALA A 62 2.80 -0.19 5.75
CA ALA A 62 1.67 0.10 6.63
C ALA A 62 0.55 -0.95 6.45
N GLY A 63 0.08 -1.46 7.57
CA GLY A 63 -0.91 -2.52 7.56
C GLY A 63 -0.31 -3.90 7.68
N GLN A 64 1.01 -4.04 7.40
CA GLN A 64 1.67 -5.35 7.47
C GLN A 64 2.38 -5.63 8.78
N GLU A 65 2.38 -4.68 9.72
CA GLU A 65 3.08 -4.79 11.01
C GLU A 65 2.74 -6.06 11.82
N ASP A 66 1.48 -6.54 11.82
CA ASP A 66 1.13 -7.75 12.60
C ASP A 66 1.22 -9.06 11.80
N TYR A 67 1.54 -9.01 10.51
CA TYR A 67 1.52 -10.21 9.66
C TYR A 67 2.89 -10.56 9.20
N ASP A 68 3.56 -11.40 10.00
CA ASP A 68 4.96 -11.76 9.80
C ASP A 68 5.26 -12.56 8.55
N ARG A 69 4.27 -13.24 7.99
CA ARG A 69 4.47 -14.00 6.76
C ARG A 69 4.10 -13.19 5.49
N LEU A 70 3.22 -12.18 5.63
CA LEU A 70 2.87 -11.32 4.50
C LEU A 70 3.92 -10.23 4.31
N ARG A 71 4.34 -9.56 5.41
CA ARG A 71 5.27 -8.43 5.39
C ARG A 71 6.57 -8.67 4.58
N PRO A 72 7.31 -9.80 4.73
CA PRO A 72 8.55 -9.95 3.96
C PRO A 72 8.38 -9.98 2.44
N LEU A 73 7.12 -10.17 1.95
CA LEU A 73 6.84 -10.12 0.51
C LEU A 73 7.05 -8.73 -0.07
N SER A 74 7.12 -7.67 0.76
CA SER A 74 7.43 -6.34 0.29
C SER A 74 8.97 -6.19 0.05
N TYR A 75 9.82 -7.07 0.61
CA TYR A 75 11.29 -6.92 0.55
C TYR A 75 12.03 -7.32 -0.74
N PRO A 76 11.60 -8.27 -1.59
CA PRO A 76 12.41 -8.62 -2.78
C PRO A 76 12.94 -7.46 -3.65
N ASP A 77 14.25 -7.51 -3.96
CA ASP A 77 14.99 -6.56 -4.80
C ASP A 77 15.00 -5.11 -4.29
N THR A 78 14.84 -4.91 -2.97
CA THR A 78 14.90 -3.57 -2.40
C THR A 78 16.35 -3.04 -2.55
N ASP A 79 16.51 -1.76 -2.94
CA ASP A 79 17.83 -1.13 -3.09
C ASP A 79 18.15 -0.19 -1.93
N VAL A 80 17.13 0.35 -1.25
CA VAL A 80 17.31 1.22 -0.10
C VAL A 80 16.12 1.09 0.87
N ILE A 81 16.41 1.01 2.18
CA ILE A 81 15.38 0.92 3.22
C ILE A 81 15.36 2.22 4.03
N LEU A 82 14.18 2.82 4.21
CA LEU A 82 14.04 3.94 5.12
C LEU A 82 13.42 3.31 6.38
N MET A 83 14.12 3.42 7.49
CA MET A 83 13.67 2.86 8.76
CA MET A 83 13.66 2.87 8.76
C MET A 83 13.19 4.04 9.57
N CYS A 84 11.89 4.13 9.75
CA CYS A 84 11.27 5.26 10.39
CA CYS A 84 11.24 5.26 10.40
C CYS A 84 10.85 5.03 11.84
N PHE A 85 10.92 6.11 12.61
CA PHE A 85 10.45 6.24 13.98
C PHE A 85 9.87 7.67 14.05
N SER A 86 9.05 7.89 15.04
CA SER A 86 8.46 9.18 15.28
C SER A 86 9.16 9.87 16.47
N ILE A 87 9.54 11.13 16.30
CA ILE A 87 10.22 11.89 17.35
C ILE A 87 9.29 12.14 18.57
N ASP A 88 7.96 12.15 18.37
CA ASP A 88 7.03 12.27 19.50
C ASP A 88 6.76 10.91 20.20
N SER A 89 7.49 9.85 19.81
CA SER A 89 7.27 8.51 20.33
C SER A 89 8.60 7.81 20.69
N PRO A 90 9.21 8.12 21.86
CA PRO A 90 10.47 7.42 22.23
C PRO A 90 10.38 5.90 22.26
N ASP A 91 9.19 5.32 22.49
CA ASP A 91 9.00 3.88 22.46
C ASP A 91 9.15 3.31 21.03
N SER A 92 8.80 4.07 19.98
CA SER A 92 9.02 3.59 18.61
C SER A 92 10.54 3.50 18.29
N LEU A 93 11.38 4.30 18.97
CA LEU A 93 12.84 4.27 18.77
C LEU A 93 13.45 3.00 19.35
N GLU A 94 12.96 2.52 20.52
CA GLU A 94 13.52 1.31 21.13
C GLU A 94 13.14 0.02 20.36
N ASN A 95 12.10 0.04 19.52
CA ASN A 95 11.73 -1.13 18.72
C ASN A 95 12.64 -1.33 17.48
N ILE A 96 13.37 -0.26 17.09
CA ILE A 96 14.28 -0.28 15.96
C ILE A 96 15.37 -1.36 16.07
N PRO A 97 16.18 -1.42 17.16
CA PRO A 97 17.29 -2.37 17.18
C PRO A 97 16.95 -3.86 17.30
N GLU A 98 15.91 -4.26 18.05
CA GLU A 98 15.68 -5.68 18.23
C GLU A 98 14.45 -6.24 17.51
N LYS A 99 13.67 -5.41 16.81
CA LYS A 99 12.56 -5.88 16.02
C LYS A 99 12.79 -5.61 14.52
N TRP A 100 12.88 -4.34 14.11
CA TRP A 100 13.02 -3.98 12.69
C TRP A 100 14.41 -4.21 12.09
N THR A 101 15.48 -3.93 12.86
CA THR A 101 16.83 -4.13 12.36
C THR A 101 17.14 -5.62 12.06
N PRO A 102 16.87 -6.59 12.96
CA PRO A 102 17.17 -8.01 12.61
C PRO A 102 16.38 -8.54 11.42
N GLU A 103 15.13 -8.06 11.24
CA GLU A 103 14.29 -8.46 10.12
C GLU A 103 14.84 -7.90 8.80
N VAL A 104 15.17 -6.62 8.77
CA VAL A 104 15.66 -5.97 7.56
C VAL A 104 17.05 -6.50 7.15
N LYS A 105 17.90 -6.88 8.12
CA LYS A 105 19.21 -7.44 7.80
C LYS A 105 19.12 -8.89 7.30
N HIS A 106 18.10 -9.64 7.73
CA HIS A 106 17.88 -11.00 7.27
C HIS A 106 17.33 -11.00 5.84
N PHE A 107 16.28 -10.20 5.56
CA PHE A 107 15.65 -10.21 4.23
C PHE A 107 16.32 -9.30 3.19
N CYS A 108 17.09 -8.29 3.65
CA CYS A 108 17.76 -7.33 2.77
C CYS A 108 19.25 -7.22 3.16
N PRO A 109 20.02 -8.30 3.04
CA PRO A 109 21.44 -8.22 3.42
C PRO A 109 22.18 -7.27 2.49
N ASN A 110 23.04 -6.45 3.08
CA ASN A 110 23.86 -5.47 2.41
C ASN A 110 23.10 -4.29 1.80
N VAL A 111 21.78 -4.16 2.08
CA VAL A 111 20.98 -3.03 1.61
C VAL A 111 21.18 -1.86 2.58
N PRO A 112 21.53 -0.67 2.10
CA PRO A 112 21.70 0.47 3.03
C PRO A 112 20.40 0.86 3.75
N ILE A 113 20.52 1.17 5.04
CA ILE A 113 19.37 1.57 5.83
C ILE A 113 19.56 3.02 6.21
N ILE A 114 18.56 3.86 5.98
CA ILE A 114 18.64 5.25 6.44
C ILE A 114 17.65 5.36 7.60
N LEU A 115 18.13 5.69 8.81
CA LEU A 115 17.22 5.84 9.95
C LEU A 115 16.65 7.25 9.85
N VAL A 116 15.32 7.37 9.79
CA VAL A 116 14.64 8.66 9.64
C VAL A 116 13.79 8.98 10.86
N GLY A 117 14.04 10.13 11.46
CA GLY A 117 13.22 10.63 12.56
C GLY A 117 12.13 11.53 11.99
N ASN A 118 10.88 11.04 11.97
CA ASN A 118 9.73 11.76 11.45
CA ASN A 118 9.77 11.83 11.43
C ASN A 118 9.08 12.68 12.50
N LYS A 119 8.20 13.61 12.07
CA LYS A 119 7.45 14.51 12.94
C LYS A 119 8.38 15.36 13.81
N LYS A 120 9.49 15.85 13.24
CA LYS A 120 10.46 16.64 14.01
C LYS A 120 9.88 17.94 14.58
N ASP A 121 8.77 18.43 14.01
CA ASP A 121 8.04 19.62 14.45
C ASP A 121 7.43 19.42 15.84
N LEU A 122 7.12 18.18 16.23
CA LEU A 122 6.53 17.88 17.54
C LEU A 122 7.54 18.00 18.72
N ARG A 123 8.84 18.17 18.42
CA ARG A 123 9.88 18.44 19.42
C ARG A 123 9.59 19.83 20.09
N ASN A 124 8.88 20.74 19.38
CA ASN A 124 8.50 22.07 19.87
C ASN A 124 6.99 22.20 20.10
N ASP A 125 6.29 21.07 20.31
CA ASP A 125 4.85 21.09 20.54
C ASP A 125 4.57 20.96 22.03
N GLU A 126 3.79 21.89 22.60
CA GLU A 126 3.48 21.88 24.03
C GLU A 126 2.63 20.68 24.43
N HIS A 127 1.60 20.36 23.63
CA HIS A 127 0.75 19.19 23.93
C HIS A 127 1.56 17.90 23.91
N THR A 128 2.52 17.79 22.96
CA THR A 128 3.39 16.62 22.85
C THR A 128 4.26 16.50 24.09
N ARG A 129 4.92 17.60 24.49
CA ARG A 129 5.78 17.60 25.68
C ARG A 129 5.00 17.30 26.96
N ARG A 130 3.75 17.80 27.10
CA ARG A 130 2.94 17.51 28.27
C ARG A 130 2.51 16.04 28.34
N GLU A 131 1.99 15.50 27.24
CA GLU A 131 1.57 14.09 27.20
C GLU A 131 2.72 13.12 27.46
N LEU A 132 3.92 13.46 26.99
CA LEU A 132 5.09 12.60 27.19
C LEU A 132 5.61 12.68 28.62
N ALA A 133 5.60 13.88 29.23
CA ALA A 133 6.07 14.05 30.61
C ALA A 133 5.24 13.27 31.64
N LYS A 134 3.98 12.95 31.30
CA LYS A 134 3.12 12.14 32.17
C LYS A 134 3.63 10.69 32.34
N MET A 135 4.43 10.20 31.37
CA MET A 135 5.03 8.86 31.40
C MET A 135 6.54 8.92 31.60
N LYS A 136 7.06 9.99 32.26
CA LYS A 136 8.48 10.23 32.51
C LYS A 136 9.29 10.25 31.22
N GLN A 137 8.70 10.76 30.12
CA GLN A 137 9.34 10.80 28.82
C GLN A 137 9.43 12.21 28.21
N GLU A 138 10.25 12.33 27.16
CA GLU A 138 10.41 13.58 26.42
C GLU A 138 10.63 13.28 24.93
N PRO A 139 10.40 14.23 24.01
CA PRO A 139 10.62 13.95 22.58
C PRO A 139 12.05 13.47 22.30
N VAL A 140 12.24 12.56 21.34
CA VAL A 140 13.56 12.02 20.97
C VAL A 140 14.54 13.16 20.63
N LYS A 141 15.70 13.16 21.28
CA LYS A 141 16.72 14.19 21.06
C LYS A 141 17.54 13.86 19.81
N PRO A 142 18.09 14.86 19.11
CA PRO A 142 18.88 14.56 17.89
C PRO A 142 20.01 13.56 18.11
N GLU A 143 20.73 13.66 19.25
CA GLU A 143 21.82 12.74 19.60
C GLU A 143 21.33 11.33 19.88
N GLU A 144 20.09 11.16 20.37
CA GLU A 144 19.53 9.84 20.59
C GLU A 144 19.26 9.14 19.25
N GLY A 145 18.75 9.89 18.27
CA GLY A 145 18.55 9.37 16.92
C GLY A 145 19.86 9.01 16.26
N ARG A 146 20.86 9.91 16.29
CA ARG A 146 22.18 9.61 15.73
C ARG A 146 22.83 8.39 16.41
N ASP A 147 22.76 8.29 17.75
CA ASP A 147 23.37 7.15 18.47
C ASP A 147 22.75 5.80 18.06
N MET A 148 21.42 5.76 17.90
CA MET A 148 20.69 4.57 17.44
C MET A 148 21.09 4.23 15.99
N ALA A 149 21.17 5.23 15.12
CA ALA A 149 21.59 5.00 13.73
C ALA A 149 23.03 4.41 13.69
N ASN A 150 23.93 4.95 14.51
CA ASN A 150 25.29 4.45 14.62
C ASN A 150 25.30 3.00 15.11
N ARG A 151 24.59 2.72 16.21
CA ARG A 151 24.48 1.40 16.81
C ARG A 151 23.96 0.31 15.82
N ILE A 152 22.89 0.60 15.05
CA ILE A 152 22.35 -0.40 14.12
C ILE A 152 23.13 -0.54 12.80
N GLY A 153 24.16 0.26 12.59
CA GLY A 153 24.92 0.21 11.35
C GLY A 153 24.24 0.91 10.19
N ALA A 154 23.41 1.92 10.46
CA ALA A 154 22.73 2.68 9.41
C ALA A 154 23.72 3.41 8.55
N PHE A 155 23.38 3.53 7.27
CA PHE A 155 24.08 4.32 6.25
C PHE A 155 24.17 5.79 6.72
N GLY A 156 23.09 6.26 7.35
CA GLY A 156 23.03 7.59 7.92
C GLY A 156 21.76 7.87 8.71
N TYR A 157 21.73 9.05 9.34
CA TYR A 157 20.61 9.51 10.14
C TYR A 157 20.12 10.82 9.58
N MET A 158 18.82 10.91 9.38
CA MET A 158 18.15 12.11 8.88
C MET A 158 16.86 12.37 9.63
N GLU A 159 16.43 13.64 9.69
CA GLU A 159 15.16 14.05 10.31
C GLU A 159 14.28 14.79 9.31
N CYS A 160 12.96 14.75 9.53
CA CYS A 160 12.03 15.46 8.63
C CYS A 160 10.70 15.73 9.29
N SER A 161 9.87 16.52 8.62
CA SER A 161 8.51 16.85 9.01
C SER A 161 7.57 16.77 7.79
N ALA A 162 6.76 15.70 7.67
CA ALA A 162 5.78 15.61 6.57
C ALA A 162 4.79 16.80 6.64
N LYS A 163 4.44 17.26 7.85
CA LYS A 163 3.53 18.36 8.07
C LYS A 163 3.98 19.66 7.42
N THR A 164 5.25 20.02 7.55
CA THR A 164 5.77 21.27 6.98
C THR A 164 6.61 21.08 5.71
N LYS A 165 6.86 19.82 5.29
CA LYS A 165 7.71 19.43 4.16
C LYS A 165 9.21 19.62 4.42
N ASP A 166 9.61 20.11 5.61
CA ASP A 166 11.02 20.34 5.90
C ASP A 166 11.82 19.04 5.97
N GLY A 167 12.85 18.96 5.15
CA GLY A 167 13.74 17.80 5.10
C GLY A 167 13.23 16.62 4.31
N VAL A 168 12.01 16.70 3.78
CA VAL A 168 11.44 15.59 3.00
C VAL A 168 12.21 15.32 1.71
N ARG A 169 12.41 16.35 0.86
CA ARG A 169 13.13 16.21 -0.40
C ARG A 169 14.54 15.67 -0.19
N GLU A 170 15.23 16.15 0.87
CA GLU A 170 16.60 15.73 1.18
C GLU A 170 16.67 14.25 1.53
N VAL A 171 15.65 13.71 2.26
CA VAL A 171 15.59 12.29 2.63
C VAL A 171 15.60 11.41 1.38
N PHE A 172 14.75 11.76 0.39
CA PHE A 172 14.59 10.95 -0.82
C PHE A 172 15.74 11.09 -1.79
N GLU A 173 16.38 12.27 -1.83
CA GLU A 173 17.56 12.43 -2.67
C GLU A 173 18.73 11.61 -2.09
N MET A 174 18.85 11.55 -0.74
CA MET A 174 19.90 10.77 -0.08
C MET A 174 19.62 9.27 -0.23
N ALA A 175 18.34 8.87 -0.15
CA ALA A 175 17.98 7.47 -0.36
C ALA A 175 18.36 7.02 -1.80
N THR A 176 18.25 7.92 -2.77
CA THR A 176 18.59 7.61 -4.15
C THR A 176 20.09 7.45 -4.28
N ARG A 177 20.85 8.36 -3.66
CA ARG A 177 22.31 8.24 -3.63
C ARG A 177 22.73 6.88 -2.94
N ALA A 178 22.09 6.53 -1.80
CA ALA A 178 22.37 5.29 -1.10
C ALA A 178 22.08 4.05 -1.99
N ALA A 179 20.95 4.05 -2.72
CA ALA A 179 20.60 2.97 -3.64
C ALA A 179 21.61 2.85 -4.82
N LEU A 180 22.23 3.96 -5.26
CA LEU A 180 23.22 3.92 -6.34
C LEU A 180 24.58 3.33 -5.95
N GLN A 181 24.97 3.40 -4.66
CA GLN A 181 26.28 2.88 -4.22
C GLN A 181 26.42 1.36 -4.32
N SER B 1 -10.03 0.21 -16.61
CA SER B 1 -11.18 0.92 -16.06
CA SER B 1 -11.20 0.90 -16.06
C SER B 1 -12.06 1.52 -17.17
N MET B 2 -13.28 1.90 -16.84
CA MET B 2 -14.20 2.50 -17.79
C MET B 2 -14.32 3.98 -17.48
N GLU B 3 -14.41 4.82 -18.52
CA GLU B 3 -14.47 6.28 -18.43
C GLU B 3 -15.45 6.79 -17.38
N MET B 4 -16.64 6.16 -17.32
CA MET B 4 -17.68 6.55 -16.39
CA MET B 4 -17.69 6.54 -16.37
C MET B 4 -17.17 6.50 -14.94
N ASP B 5 -16.59 5.37 -14.53
CA ASP B 5 -16.05 5.19 -13.20
C ASP B 5 -14.79 6.03 -12.96
N GLU B 6 -13.94 6.25 -14.00
CA GLU B 6 -12.74 7.07 -13.85
C GLU B 6 -13.11 8.49 -13.52
N LYS B 7 -14.11 9.07 -14.22
CA LYS B 7 -14.51 10.45 -13.96
C LYS B 7 -15.14 10.55 -12.57
N ASP B 8 -16.02 9.59 -12.20
CA ASP B 8 -16.65 9.58 -10.88
C ASP B 8 -15.61 9.53 -9.74
N PHE B 9 -14.43 8.93 -10.01
CA PHE B 9 -13.38 8.83 -8.99
C PHE B 9 -12.11 9.61 -9.36
N ALA B 10 -12.22 10.64 -10.19
CA ALA B 10 -11.06 11.43 -10.59
C ALA B 10 -10.60 12.37 -9.48
N ALA B 11 -11.53 12.94 -8.70
CA ALA B 11 -11.19 13.90 -7.65
C ALA B 11 -10.39 13.30 -6.49
N ASP B 12 -9.59 14.14 -5.83
CA ASP B 12 -8.78 13.69 -4.71
C ASP B 12 -9.62 13.35 -3.46
N SER B 13 -10.90 13.76 -3.41
CA SER B 13 -11.75 13.47 -2.25
C SER B 13 -13.25 13.51 -2.59
N TRP B 14 -14.10 13.05 -1.65
CA TRP B 14 -15.55 13.12 -1.84
C TRP B 14 -15.99 14.60 -1.89
N SER B 15 -15.37 15.46 -1.06
CA SER B 15 -15.71 16.88 -0.98
C SER B 15 -15.37 17.64 -2.28
N LEU B 16 -14.41 17.12 -3.05
CA LEU B 16 -14.07 17.69 -4.35
C LEU B 16 -14.86 16.98 -5.49
N ALA B 17 -15.32 15.72 -5.30
CA ALA B 17 -16.12 15.00 -6.31
C ALA B 17 -17.58 15.55 -6.40
N VAL B 18 -18.22 15.82 -5.26
CA VAL B 18 -19.58 16.35 -5.22
C VAL B 18 -19.61 17.85 -5.58
N ASP B 19 -20.79 18.38 -5.99
CA ASP B 19 -20.97 19.81 -6.29
C ASP B 19 -20.79 20.58 -4.97
N SER B 20 -20.14 21.77 -4.99
CA SER B 20 -19.96 22.52 -3.74
C SER B 20 -21.27 22.95 -3.10
N SER B 21 -22.33 23.15 -3.91
CA SER B 21 -23.65 23.49 -3.36
C SER B 21 -24.32 22.29 -2.63
N PHE B 22 -23.88 21.06 -2.92
CA PHE B 22 -24.34 19.86 -2.26
C PHE B 22 -23.46 19.65 -1.00
N LEU B 23 -22.15 19.91 -1.10
CA LEU B 23 -21.20 19.80 0.03
C LEU B 23 -21.66 20.68 1.20
N GLN B 24 -22.05 21.94 0.91
CA GLN B 24 -22.54 22.94 1.88
C GLN B 24 -23.69 22.46 2.73
N GLN B 25 -24.53 21.58 2.21
CA GLN B 25 -25.71 21.10 2.95
C GLN B 25 -25.38 20.07 4.02
N HIS B 26 -24.12 19.58 4.10
CA HIS B 26 -23.75 18.52 5.02
C HIS B 26 -22.89 18.91 6.19
N LYS B 27 -23.02 18.17 7.28
CA LYS B 27 -22.20 18.39 8.46
C LYS B 27 -20.80 17.89 8.16
N LYS B 28 -19.78 18.56 8.71
CA LYS B 28 -18.37 18.21 8.53
C LYS B 28 -18.11 16.73 8.90
N GLU B 29 -18.82 16.22 9.91
CA GLU B 29 -18.66 14.82 10.33
C GLU B 29 -19.06 13.85 9.22
N VAL B 30 -20.11 14.19 8.47
CA VAL B 30 -20.59 13.41 7.34
C VAL B 30 -19.57 13.51 6.19
N MET B 31 -19.06 14.72 5.91
CA MET B 31 -18.06 14.94 4.87
C MET B 31 -16.81 14.06 5.14
N LYS B 32 -16.36 14.00 6.42
CA LYS B 32 -15.19 13.20 6.82
C LYS B 32 -15.43 11.72 6.59
N GLN B 33 -16.56 11.18 7.05
CA GLN B 33 -16.95 9.78 6.81
C GLN B 33 -16.97 9.49 5.26
N GLN B 34 -17.61 10.37 4.48
CA GLN B 34 -17.74 10.20 3.03
C GLN B 34 -16.40 10.24 2.28
N ASP B 35 -15.46 11.06 2.75
CA ASP B 35 -14.12 11.15 2.17
C ASP B 35 -13.40 9.79 2.30
N VAL B 36 -13.53 9.13 3.48
CA VAL B 36 -12.87 7.84 3.68
C VAL B 36 -13.60 6.71 2.91
N ILE B 37 -14.94 6.75 2.84
CA ILE B 37 -15.69 5.77 2.05
C ILE B 37 -15.29 5.88 0.57
N TYR B 38 -15.14 7.12 0.09
CA TYR B 38 -14.75 7.40 -1.30
C TYR B 38 -13.32 6.86 -1.58
N GLU B 39 -12.42 6.97 -0.61
CA GLU B 39 -11.06 6.45 -0.76
C GLU B 39 -11.10 4.94 -0.88
N LEU B 40 -11.94 4.28 -0.08
CA LEU B 40 -12.08 2.82 -0.15
C LEU B 40 -12.55 2.38 -1.57
N ILE B 41 -13.57 3.05 -2.12
CA ILE B 41 -14.09 2.69 -3.44
C ILE B 41 -13.10 3.01 -4.52
N GLN B 42 -12.50 4.21 -4.48
CA GLN B 42 -11.51 4.65 -5.44
C GLN B 42 -10.29 3.69 -5.49
N THR B 43 -9.80 3.23 -4.33
CA THR B 43 -8.66 2.30 -4.31
C THR B 43 -9.12 0.88 -4.75
N GLU B 44 -10.41 0.52 -4.52
CA GLU B 44 -10.91 -0.78 -4.99
C GLU B 44 -10.99 -0.76 -6.53
N LEU B 45 -11.43 0.38 -7.12
CA LEU B 45 -11.45 0.59 -8.58
C LEU B 45 -10.03 0.46 -9.16
N HIS B 46 -9.00 1.02 -8.48
CA HIS B 46 -7.58 0.94 -8.94
C HIS B 46 -7.02 -0.50 -8.82
N HIS B 47 -7.45 -1.21 -7.77
CA HIS B 47 -7.05 -2.60 -7.53
C HIS B 47 -7.58 -3.52 -8.62
N VAL B 48 -8.87 -3.36 -9.00
CA VAL B 48 -9.49 -4.13 -10.09
C VAL B 48 -8.78 -3.77 -11.42
N ARG B 49 -8.45 -2.50 -11.60
CA ARG B 49 -7.71 -2.06 -12.79
C ARG B 49 -6.32 -2.77 -12.87
N THR B 50 -5.63 -2.92 -11.72
CA THR B 50 -4.34 -3.64 -11.62
C THR B 50 -4.53 -5.08 -12.08
N LEU B 51 -5.59 -5.73 -11.58
CA LEU B 51 -5.91 -7.10 -11.98
C LEU B 51 -6.21 -7.22 -13.49
N LYS B 52 -6.85 -6.20 -14.12
CA LYS B 52 -7.16 -6.21 -15.56
C LYS B 52 -5.89 -6.06 -16.39
N ILE B 53 -4.91 -5.27 -15.91
CA ILE B 53 -3.61 -5.13 -16.59
C ILE B 53 -2.90 -6.51 -16.58
N MET B 54 -2.97 -7.23 -15.45
CA MET B 54 -2.35 -8.56 -15.34
C MET B 54 -3.02 -9.61 -16.21
N THR B 55 -4.36 -9.68 -16.26
CA THR B 55 -5.05 -10.68 -17.07
C THR B 55 -5.07 -10.33 -18.58
N ARG B 56 -5.54 -9.12 -18.94
CA ARG B 56 -5.70 -8.69 -20.32
C ARG B 56 -4.45 -8.18 -21.02
N LEU B 57 -3.64 -7.34 -20.33
CA LEU B 57 -2.47 -6.80 -20.97
C LEU B 57 -1.31 -7.79 -20.94
N PHE B 58 -0.88 -8.21 -19.75
CA PHE B 58 0.26 -9.11 -19.61
C PHE B 58 -0.03 -10.58 -19.98
N ARG B 59 -0.88 -11.29 -19.19
CA ARG B 59 -1.16 -12.71 -19.38
C ARG B 59 -1.65 -13.08 -20.79
N THR B 60 -2.74 -12.44 -21.25
CA THR B 60 -3.30 -12.75 -22.55
C THR B 60 -2.36 -12.33 -23.69
N GLY B 61 -1.68 -11.20 -23.52
CA GLY B 61 -0.73 -10.73 -24.51
C GLY B 61 0.41 -11.70 -24.70
N MET B 62 0.87 -12.33 -23.61
CA MET B 62 1.92 -13.33 -23.68
C MET B 62 1.41 -14.56 -24.39
N LEU B 63 0.19 -15.03 -24.08
CA LEU B 63 -0.39 -16.19 -24.73
C LEU B 63 -0.60 -15.99 -26.22
N GLU B 64 -1.04 -14.80 -26.62
CA GLU B 64 -1.32 -14.53 -28.03
C GLU B 64 -0.14 -14.05 -28.88
N GLU B 65 0.84 -13.34 -28.30
CA GLU B 65 1.96 -12.81 -29.08
C GLU B 65 3.22 -13.63 -28.95
N LEU B 66 3.48 -14.16 -27.77
CA LEU B 66 4.70 -14.93 -27.56
C LEU B 66 4.51 -16.41 -27.69
N HIS B 67 3.25 -16.91 -27.63
CA HIS B 67 2.95 -18.34 -27.68
C HIS B 67 3.78 -19.11 -26.63
N LEU B 68 3.90 -18.49 -25.45
CA LEU B 68 4.63 -19.04 -24.32
C LEU B 68 3.81 -20.20 -23.77
N GLU B 69 4.48 -21.27 -23.30
CA GLU B 69 3.80 -22.42 -22.71
C GLU B 69 2.89 -21.97 -21.52
N PRO B 70 1.59 -22.35 -21.54
CA PRO B 70 0.66 -21.86 -20.51
C PRO B 70 1.06 -22.11 -19.05
N GLY B 71 1.88 -23.12 -18.78
CA GLY B 71 2.37 -23.37 -17.44
C GLY B 71 3.37 -22.33 -16.96
N VAL B 72 4.06 -21.67 -17.92
CA VAL B 72 4.99 -20.59 -17.63
C VAL B 72 4.13 -19.35 -17.32
N VAL B 73 3.18 -19.01 -18.20
CA VAL B 73 2.29 -17.87 -17.98
C VAL B 73 1.51 -18.02 -16.63
N GLN B 74 1.13 -19.27 -16.28
CA GLN B 74 0.44 -19.52 -15.02
CA GLN B 74 0.43 -19.52 -15.02
C GLN B 74 1.34 -19.23 -13.83
N GLY B 75 2.60 -19.60 -13.94
CA GLY B 75 3.58 -19.35 -12.89
C GLY B 75 3.84 -17.87 -12.69
N LEU B 76 3.71 -17.06 -13.77
CA LEU B 76 3.93 -15.61 -13.71
C LEU B 76 2.76 -14.87 -13.06
N PHE B 77 1.53 -15.33 -13.32
CA PHE B 77 0.29 -14.70 -12.84
C PHE B 77 -0.59 -15.71 -12.11
N PRO B 78 -0.15 -16.25 -10.96
CA PRO B 78 -1.01 -17.24 -10.26
C PRO B 78 -2.34 -16.60 -9.81
N CYS B 79 -3.46 -17.37 -9.86
CA CYS B 79 -4.80 -17.00 -9.37
C CYS B 79 -5.38 -15.67 -9.89
N VAL B 80 -4.86 -15.12 -10.99
CA VAL B 80 -5.32 -13.82 -11.48
CA VAL B 80 -5.29 -13.82 -11.47
C VAL B 80 -6.79 -13.82 -11.91
N ASP B 81 -7.29 -14.94 -12.49
CA ASP B 81 -8.70 -15.00 -12.87
C ASP B 81 -9.61 -15.06 -11.64
N GLU B 82 -9.24 -15.83 -10.61
CA GLU B 82 -10.03 -15.94 -9.39
CA GLU B 82 -10.06 -15.93 -9.41
C GLU B 82 -10.08 -14.61 -8.63
N LEU B 83 -8.92 -13.93 -8.52
CA LEU B 83 -8.80 -12.64 -7.83
C LEU B 83 -9.63 -11.59 -8.54
N SER B 84 -9.55 -11.58 -9.89
CA SER B 84 -10.31 -10.62 -10.68
C SER B 84 -11.81 -10.81 -10.48
N ASP B 85 -12.28 -12.08 -10.38
CA ASP B 85 -13.68 -12.36 -10.09
C ASP B 85 -14.14 -11.82 -8.73
N ILE B 86 -13.39 -12.13 -7.66
CA ILE B 86 -13.71 -11.67 -6.30
C ILE B 86 -13.78 -10.12 -6.22
N HIS B 87 -12.74 -9.42 -6.74
CA HIS B 87 -12.69 -7.97 -6.60
C HIS B 87 -13.63 -7.25 -7.58
N THR B 88 -13.85 -7.79 -8.79
CA THR B 88 -14.81 -7.15 -9.72
C THR B 88 -16.22 -7.23 -9.14
N ARG B 89 -16.57 -8.36 -8.50
CA ARG B 89 -17.89 -8.48 -7.87
C ARG B 89 -18.02 -7.50 -6.69
N PHE B 90 -17.00 -7.39 -5.82
CA PHE B 90 -17.02 -6.50 -4.68
C PHE B 90 -17.16 -5.05 -5.14
N LEU B 91 -16.40 -4.68 -6.18
CA LEU B 91 -16.43 -3.34 -6.76
C LEU B 91 -17.84 -3.04 -7.33
N SER B 92 -18.48 -4.03 -8.00
CA SER B 92 -19.80 -3.85 -8.56
CA SER B 92 -19.82 -3.85 -8.55
C SER B 92 -20.82 -3.47 -7.47
N GLN B 93 -20.75 -4.12 -6.30
CA GLN B 93 -21.64 -3.83 -5.16
C GLN B 93 -21.36 -2.45 -4.54
N LEU B 94 -20.09 -2.05 -4.49
CA LEU B 94 -19.72 -0.75 -3.93
C LEU B 94 -20.25 0.33 -4.87
N LEU B 95 -20.07 0.16 -6.19
CA LEU B 95 -20.51 1.10 -7.21
C LEU B 95 -22.00 1.18 -7.29
N GLU B 96 -22.71 0.06 -7.09
CA GLU B 96 -24.17 0.05 -7.12
C GLU B 96 -24.74 0.75 -5.88
N ARG B 97 -24.10 0.58 -4.72
CA ARG B 97 -24.51 1.25 -3.49
C ARG B 97 -24.38 2.80 -3.67
N ARG B 98 -23.30 3.27 -4.32
CA ARG B 98 -23.12 4.69 -4.62
C ARG B 98 -24.18 5.19 -5.61
N ARG B 99 -24.44 4.42 -6.70
CA ARG B 99 -25.40 4.77 -7.73
C ARG B 99 -26.81 4.94 -7.15
N GLN B 100 -27.23 3.99 -6.30
CA GLN B 100 -28.53 4.03 -5.64
C GLN B 100 -28.69 5.26 -4.74
N ALA B 101 -27.59 5.76 -4.18
CA ALA B 101 -27.55 6.91 -3.29
C ALA B 101 -27.52 8.26 -4.00
N LEU B 102 -27.35 8.28 -5.34
CA LEU B 102 -27.33 9.55 -6.09
C LEU B 102 -28.65 10.29 -5.99
N CYS B 103 -28.58 11.62 -5.97
CA CYS B 103 -29.77 12.46 -6.01
C CYS B 103 -30.33 12.36 -7.43
N PRO B 104 -31.66 12.45 -7.60
CA PRO B 104 -32.23 12.55 -8.96
C PRO B 104 -31.72 13.83 -9.63
N GLY B 105 -31.43 13.77 -10.92
CA GLY B 105 -30.86 14.89 -11.64
C GLY B 105 -29.35 15.02 -11.46
N SER B 106 -28.71 14.06 -10.74
CA SER B 106 -27.27 14.13 -10.52
C SER B 106 -26.54 12.84 -10.80
N THR B 107 -25.37 12.93 -11.43
CA THR B 107 -24.49 11.76 -11.57
C THR B 107 -23.30 11.80 -10.59
N ARG B 108 -23.24 12.78 -9.66
CA ARG B 108 -22.11 12.85 -8.73
C ARG B 108 -22.44 13.13 -7.26
N ASN B 109 -23.62 13.68 -6.95
CA ASN B 109 -23.99 14.01 -5.58
C ASN B 109 -24.63 12.85 -4.88
N PHE B 110 -23.96 12.31 -3.84
CA PHE B 110 -24.46 11.15 -3.10
C PHE B 110 -23.93 11.10 -1.66
N VAL B 111 -24.62 10.38 -0.78
CA VAL B 111 -24.15 10.12 0.58
C VAL B 111 -24.39 8.63 0.82
N ILE B 112 -23.35 7.88 1.19
CA ILE B 112 -23.49 6.47 1.52
C ILE B 112 -23.62 6.38 3.04
N HIS B 113 -24.83 6.08 3.53
CA HIS B 113 -25.10 5.95 4.96
C HIS B 113 -24.84 4.54 5.50
N ARG B 114 -25.01 3.51 4.66
N ARG B 114 -25.01 3.52 4.65
CA ARG B 114 -24.84 2.13 5.08
CA ARG B 114 -24.85 2.14 5.06
C ARG B 114 -23.73 1.46 4.30
C ARG B 114 -23.73 1.47 4.28
N LEU B 115 -22.72 0.95 4.99
N LEU B 115 -22.73 0.95 4.97
CA LEU B 115 -21.61 0.27 4.35
CA LEU B 115 -21.61 0.27 4.35
C LEU B 115 -21.27 -1.03 5.07
C LEU B 115 -21.26 -1.03 5.07
N GLY B 116 -21.39 -1.02 6.40
CA GLY B 116 -21.09 -2.17 7.25
C GLY B 116 -21.70 -3.49 6.81
N ASP B 117 -22.96 -3.46 6.39
CA ASP B 117 -23.67 -4.64 5.89
C ASP B 117 -22.98 -5.24 4.65
N LEU B 118 -22.56 -4.43 3.70
CA LEU B 118 -21.86 -4.89 2.51
C LEU B 118 -20.47 -5.46 2.91
N LEU B 119 -19.78 -4.80 3.83
CA LEU B 119 -18.47 -5.26 4.30
C LEU B 119 -18.57 -6.61 5.08
N ILE B 120 -19.64 -6.83 5.88
CA ILE B 120 -19.87 -8.10 6.58
C ILE B 120 -20.15 -9.21 5.55
N SER B 121 -20.92 -8.91 4.51
CA SER B 121 -21.23 -9.89 3.47
CA SER B 121 -21.22 -9.88 3.47
C SER B 121 -19.95 -10.29 2.72
N GLN B 122 -19.14 -9.30 2.31
CA GLN B 122 -17.90 -9.59 1.59
C GLN B 122 -16.92 -10.43 2.44
N PHE B 123 -16.77 -10.09 3.72
CA PHE B 123 -15.79 -10.73 4.57
C PHE B 123 -16.34 -11.84 5.48
N SER B 124 -17.43 -12.49 5.06
CA SER B 124 -17.99 -13.64 5.79
C SER B 124 -18.53 -14.69 4.79
N GLY B 125 -18.81 -15.91 5.27
CA GLY B 125 -19.35 -16.98 4.43
C GLY B 125 -18.49 -17.40 3.25
N PRO B 126 -19.13 -18.04 2.26
CA PRO B 126 -18.39 -18.50 1.07
C PRO B 126 -17.42 -17.49 0.43
N SER B 127 -17.83 -16.23 0.26
CA SER B 127 -16.93 -15.23 -0.35
C SER B 127 -15.65 -15.03 0.48
N ALA B 128 -15.75 -15.05 1.82
CA ALA B 128 -14.58 -14.92 2.68
C ALA B 128 -13.67 -16.15 2.55
N GLU B 129 -14.28 -17.35 2.46
CA GLU B 129 -13.51 -18.58 2.29
C GLU B 129 -12.73 -18.57 0.99
N GLN B 130 -13.36 -18.05 -0.08
CA GLN B 130 -12.71 -17.96 -1.37
CA GLN B 130 -12.74 -17.94 -1.39
C GLN B 130 -11.56 -16.94 -1.36
N MET B 131 -11.73 -15.80 -0.66
CA MET B 131 -10.63 -14.80 -0.56
C MET B 131 -9.47 -15.42 0.23
N CYS B 132 -9.75 -16.10 1.37
CA CYS B 132 -8.71 -16.73 2.18
C CYS B 132 -7.91 -17.77 1.37
N LYS B 133 -8.60 -18.69 0.70
CA LYS B 133 -7.97 -19.72 -0.10
C LYS B 133 -7.15 -19.11 -1.28
N THR B 134 -7.73 -18.12 -1.98
CA THR B 134 -7.05 -17.49 -3.11
C THR B 134 -5.80 -16.69 -2.70
N TYR B 135 -5.87 -15.85 -1.65
CA TYR B 135 -4.70 -15.07 -1.21
C TYR B 135 -3.62 -15.97 -0.57
N SER B 136 -4.01 -17.09 0.08
CA SER B 136 -3.02 -18.02 0.63
C SER B 136 -2.22 -18.64 -0.52
N GLU B 137 -2.91 -19.01 -1.61
CA GLU B 137 -2.28 -19.56 -2.80
C GLU B 137 -1.42 -18.46 -3.47
N PHE B 138 -1.99 -17.25 -3.76
CA PHE B 138 -1.26 -16.14 -4.39
C PHE B 138 0.04 -15.77 -3.67
N CYS B 139 -0.07 -15.43 -2.39
CA CYS B 139 1.08 -15.00 -1.61
C CYS B 139 2.11 -16.08 -1.42
N SER B 140 1.71 -17.39 -1.47
CA SER B 140 2.70 -18.49 -1.39
C SER B 140 3.47 -18.66 -2.70
N ARG B 141 2.90 -18.16 -3.83
CA ARG B 141 3.48 -18.25 -5.17
C ARG B 141 4.12 -16.94 -5.65
N HIS B 142 4.10 -15.89 -4.81
CA HIS B 142 4.58 -14.55 -5.11
C HIS B 142 6.09 -14.52 -5.45
N SER B 143 6.95 -15.09 -4.61
CA SER B 143 8.39 -15.07 -4.84
CA SER B 143 8.40 -15.09 -4.83
C SER B 143 8.79 -15.82 -6.12
N LYS B 144 8.15 -16.98 -6.37
CA LYS B 144 8.40 -17.80 -7.56
C LYS B 144 7.98 -17.03 -8.82
N ALA B 145 6.85 -16.29 -8.75
CA ALA B 145 6.40 -15.49 -9.89
C ALA B 145 7.47 -14.43 -10.28
N LEU B 146 8.08 -13.75 -9.27
CA LEU B 146 9.13 -12.74 -9.47
C LEU B 146 10.41 -13.36 -10.06
N LYS B 147 10.86 -14.53 -9.54
CA LYS B 147 12.08 -15.18 -10.06
C LYS B 147 11.87 -15.64 -11.50
N LEU B 148 10.68 -16.21 -11.82
CA LEU B 148 10.35 -16.64 -13.17
C LEU B 148 10.37 -15.43 -14.14
N TYR B 149 9.84 -14.27 -13.68
CA TYR B 149 9.85 -13.04 -14.46
C TYR B 149 11.27 -12.59 -14.80
N LYS B 150 12.14 -12.51 -13.77
CA LYS B 150 13.53 -12.11 -13.90
C LYS B 150 14.32 -13.04 -14.81
N GLU B 151 14.05 -14.37 -14.77
CA GLU B 151 14.72 -15.33 -15.67
CA GLU B 151 14.73 -15.31 -15.67
C GLU B 151 14.36 -15.03 -17.14
N LEU B 152 13.06 -14.91 -17.43
CA LEU B 152 12.56 -14.66 -18.78
C LEU B 152 13.01 -13.32 -19.37
N TYR B 153 13.04 -12.25 -18.55
CA TYR B 153 13.43 -10.93 -19.05
C TYR B 153 14.90 -10.93 -19.41
N ALA B 154 15.74 -11.53 -18.57
CA ALA B 154 17.17 -11.55 -18.80
C ALA B 154 17.63 -12.47 -19.92
N ARG B 155 16.92 -13.58 -20.16
CA ARG B 155 17.39 -14.56 -21.14
CA ARG B 155 17.35 -14.60 -21.12
C ARG B 155 16.56 -14.64 -22.43
N ASP B 156 15.31 -14.14 -22.45
CA ASP B 156 14.49 -14.20 -23.67
C ASP B 156 14.27 -12.83 -24.34
N LYS B 157 14.81 -12.67 -25.55
CA LYS B 157 14.73 -11.45 -26.35
C LYS B 157 13.30 -11.05 -26.70
N ARG B 158 12.48 -12.00 -27.21
CA ARG B 158 11.10 -11.66 -27.55
C ARG B 158 10.27 -11.30 -26.31
N PHE B 159 10.55 -11.92 -25.16
CA PHE B 159 9.84 -11.62 -23.93
C PHE B 159 10.21 -10.22 -23.44
N GLN B 160 11.49 -9.86 -23.52
CA GLN B 160 12.01 -8.56 -23.14
C GLN B 160 11.39 -7.49 -24.05
N GLN B 161 11.31 -7.74 -25.38
CA GLN B 161 10.73 -6.78 -26.32
C GLN B 161 9.22 -6.61 -26.07
N PHE B 162 8.53 -7.70 -25.69
CA PHE B 162 7.11 -7.66 -25.36
C PHE B 162 6.86 -6.77 -24.12
N ILE B 163 7.61 -7.00 -23.04
CA ILE B 163 7.49 -6.25 -21.80
C ILE B 163 7.73 -4.76 -22.04
N ARG B 164 8.83 -4.43 -22.72
CA ARG B 164 9.22 -3.05 -23.03
C ARG B 164 8.17 -2.33 -23.86
N LYS B 165 7.54 -3.04 -24.79
CA LYS B 165 6.46 -2.52 -25.62
C LYS B 165 5.16 -2.25 -24.81
N VAL B 166 4.68 -3.24 -24.04
CA VAL B 166 3.41 -3.08 -23.31
C VAL B 166 3.51 -2.14 -22.10
N THR B 167 4.70 -2.01 -21.49
CA THR B 167 4.87 -1.10 -20.36
C THR B 167 5.40 0.28 -20.76
N ARG B 168 5.60 0.55 -22.07
CA ARG B 168 6.09 1.85 -22.53
C ARG B 168 5.17 3.07 -22.20
N PRO B 169 3.81 2.99 -22.34
CA PRO B 169 2.98 4.17 -22.04
C PRO B 169 3.17 4.70 -20.62
N ALA B 170 3.07 6.03 -20.45
CA ALA B 170 3.24 6.66 -19.14
C ALA B 170 2.19 6.16 -18.13
N VAL B 171 0.94 5.85 -18.58
CA VAL B 171 -0.07 5.33 -17.65
C VAL B 171 0.34 4.02 -17.00
N LEU B 172 1.33 3.29 -17.55
CA LEU B 172 1.83 2.04 -16.97
C LEU B 172 3.10 2.22 -16.13
N LYS B 173 3.52 3.45 -15.83
CA LYS B 173 4.76 3.73 -15.10
C LYS B 173 4.94 2.95 -13.77
N ARG B 174 3.88 2.85 -12.97
CA ARG B 174 3.96 2.11 -11.71
C ARG B 174 3.28 0.73 -11.79
N HIS B 175 3.05 0.22 -13.01
CA HIS B 175 2.35 -1.04 -13.18
C HIS B 175 3.10 -2.09 -14.02
N GLY B 176 4.40 -2.24 -13.78
CA GLY B 176 5.14 -3.35 -14.39
C GLY B 176 4.72 -4.68 -13.74
N VAL B 177 5.19 -5.80 -14.26
CA VAL B 177 4.82 -7.13 -13.74
C VAL B 177 5.07 -7.30 -12.22
N GLN B 178 6.28 -6.94 -11.75
CA GLN B 178 6.61 -7.10 -10.33
C GLN B 178 5.79 -6.15 -9.44
N GLU B 179 5.55 -4.93 -9.94
CA GLU B 179 4.78 -3.90 -9.25
C GLU B 179 3.32 -4.37 -9.10
N CYS B 180 2.73 -4.98 -10.15
CA CYS B 180 1.35 -5.50 -10.08
C CYS B 180 1.22 -6.59 -9.01
N ILE B 181 2.20 -7.51 -8.97
CA ILE B 181 2.18 -8.62 -8.02
C ILE B 181 2.22 -8.10 -6.58
N LEU B 182 3.11 -7.11 -6.30
CA LEU B 182 3.19 -6.57 -4.96
C LEU B 182 1.97 -5.69 -4.62
N LEU B 183 1.44 -4.96 -5.60
CA LEU B 183 0.19 -4.17 -5.39
C LEU B 183 -0.94 -5.11 -4.96
N VAL B 184 -1.01 -6.31 -5.57
CA VAL B 184 -2.08 -7.26 -5.22
C VAL B 184 -1.87 -7.83 -3.81
N THR B 185 -0.65 -8.30 -3.49
CA THR B 185 -0.31 -8.81 -2.16
C THR B 185 -0.62 -7.77 -1.05
N GLN B 186 -0.26 -6.52 -1.30
CA GLN B 186 -0.49 -5.46 -0.32
C GLN B 186 -1.94 -5.04 -0.16
N ARG B 187 -2.80 -5.30 -1.16
CA ARG B 187 -4.20 -4.86 -1.08
C ARG B 187 -4.94 -5.31 0.18
N ILE B 188 -4.82 -6.59 0.53
CA ILE B 188 -5.57 -7.14 1.64
C ILE B 188 -5.25 -6.48 2.99
N THR B 189 -4.02 -6.00 3.20
CA THR B 189 -3.65 -5.34 4.44
C THR B 189 -4.04 -3.85 4.47
N LYS B 190 -4.61 -3.30 3.38
CA LYS B 190 -5.11 -1.93 3.39
C LYS B 190 -6.53 -1.88 4.01
N TYR B 191 -7.31 -2.96 3.89
CA TYR B 191 -8.72 -3.02 4.36
C TYR B 191 -8.91 -2.62 5.82
N PRO B 192 -8.13 -3.15 6.80
CA PRO B 192 -8.37 -2.74 8.19
C PRO B 192 -8.07 -1.27 8.43
N LEU B 193 -7.10 -0.67 7.72
CA LEU B 193 -6.77 0.75 7.88
CA LEU B 193 -6.78 0.74 7.89
C LEU B 193 -7.95 1.61 7.40
N LEU B 194 -8.46 1.32 6.20
CA LEU B 194 -9.60 2.07 5.64
C LEU B 194 -10.85 1.90 6.49
N ILE B 195 -11.20 0.65 6.87
CA ILE B 195 -12.40 0.37 7.65
C ILE B 195 -12.34 1.00 9.06
N SER B 196 -11.17 1.01 9.71
CA SER B 196 -11.03 1.62 11.03
CA SER B 196 -11.06 1.63 11.04
CA SER B 196 -11.05 1.62 11.04
C SER B 196 -11.28 3.13 10.97
N ARG B 197 -10.78 3.79 9.92
CA ARG B 197 -10.97 5.22 9.77
C ARG B 197 -12.43 5.56 9.37
N ILE B 198 -13.11 4.66 8.64
CA ILE B 198 -14.55 4.83 8.34
C ILE B 198 -15.32 4.71 9.69
N LEU B 199 -14.97 3.69 10.49
CA LEU B 199 -15.56 3.47 11.80
C LEU B 199 -15.41 4.70 12.72
N GLN B 200 -14.23 5.32 12.72
CA GLN B 200 -13.97 6.52 13.53
C GLN B 200 -14.99 7.64 13.25
N HIS B 201 -15.48 7.75 12.00
CA HIS B 201 -16.46 8.78 11.64
C HIS B 201 -17.89 8.23 11.43
N SER B 202 -18.21 7.09 12.06
CA SER B 202 -19.52 6.47 11.87
C SER B 202 -20.23 6.14 13.18
N HIS B 203 -20.07 6.99 14.19
CA HIS B 203 -20.72 6.77 15.49
C HIS B 203 -22.15 7.36 15.57
N GLY B 204 -22.53 8.17 14.58
CA GLY B 204 -23.85 8.80 14.51
C GLY B 204 -24.99 7.81 14.53
N ILE B 205 -24.84 6.68 13.84
CA ILE B 205 -25.85 5.62 13.86
CA ILE B 205 -25.85 5.62 13.86
C ILE B 205 -25.22 4.44 14.57
N GLU B 206 -25.80 4.00 15.69
CA GLU B 206 -25.28 2.91 16.49
C GLU B 206 -25.20 1.58 15.74
N GLU B 207 -26.21 1.25 14.93
CA GLU B 207 -26.21 0.00 14.16
C GLU B 207 -25.10 0.01 13.11
N GLU B 208 -24.80 1.17 12.51
CA GLU B 208 -23.73 1.28 11.53
C GLU B 208 -22.38 1.10 12.22
N ARG B 209 -22.20 1.72 13.41
CA ARG B 209 -20.97 1.60 14.19
C ARG B 209 -20.72 0.12 14.56
N GLN B 210 -21.82 -0.61 14.89
CA GLN B 210 -21.77 -2.03 15.23
C GLN B 210 -21.41 -2.87 14.00
N ASP B 211 -22.06 -2.61 12.84
CA ASP B 211 -21.76 -3.32 11.59
C ASP B 211 -20.28 -3.15 11.13
N LEU B 212 -19.74 -1.93 11.22
CA LEU B 212 -18.34 -1.64 10.86
C LEU B 212 -17.37 -2.29 11.83
N THR B 213 -17.73 -2.37 13.14
CA THR B 213 -16.91 -3.04 14.16
C THR B 213 -16.86 -4.56 13.85
N THR B 214 -18.00 -5.14 13.45
CA THR B 214 -18.07 -6.55 13.07
C THR B 214 -17.23 -6.79 11.80
N ALA B 215 -17.42 -5.94 10.76
CA ALA B 215 -16.66 -6.06 9.51
C ALA B 215 -15.15 -5.98 9.77
N LEU B 216 -14.71 -5.05 10.65
CA LEU B 216 -13.30 -4.94 11.02
C LEU B 216 -12.75 -6.26 11.61
N GLY B 217 -13.49 -6.85 12.56
CA GLY B 217 -13.12 -8.11 13.17
C GLY B 217 -13.02 -9.26 12.17
N LEU B 218 -13.92 -9.27 11.16
CA LEU B 218 -13.91 -10.28 10.09
C LEU B 218 -12.71 -10.12 9.15
N VAL B 219 -12.35 -8.88 8.77
CA VAL B 219 -11.17 -8.65 7.93
C VAL B 219 -9.87 -9.10 8.67
N LYS B 220 -9.75 -8.80 9.97
CA LYS B 220 -8.59 -9.20 10.76
C LYS B 220 -8.50 -10.71 10.91
N GLU B 221 -9.66 -11.40 11.06
CA GLU B 221 -9.69 -12.85 11.16
CA GLU B 221 -9.69 -12.86 11.15
C GLU B 221 -9.19 -13.44 9.83
N LEU B 222 -9.66 -12.87 8.69
CA LEU B 222 -9.26 -13.29 7.35
C LEU B 222 -7.75 -13.11 7.15
N LEU B 223 -7.22 -11.92 7.48
CA LEU B 223 -5.80 -11.62 7.36
C LEU B 223 -4.92 -12.58 8.17
N SER B 224 -5.34 -12.89 9.40
CA SER B 224 -4.59 -13.80 10.25
CA SER B 224 -4.62 -13.80 10.28
C SER B 224 -4.58 -15.21 9.67
N ASN B 225 -5.71 -15.63 9.02
CA ASN B 225 -5.82 -16.94 8.38
C ASN B 225 -4.93 -17.00 7.14
N VAL B 226 -4.95 -15.94 6.32
CA VAL B 226 -4.09 -15.87 5.13
C VAL B 226 -2.61 -15.95 5.54
N ASP B 227 -2.22 -15.18 6.57
CA ASP B 227 -0.84 -15.14 7.07
C ASP B 227 -0.38 -16.53 7.55
N GLU B 228 -1.26 -17.28 8.22
CA GLU B 228 -0.94 -18.61 8.71
C GLU B 228 -0.86 -19.68 7.61
N GLY B 229 -1.55 -19.46 6.50
CA GLY B 229 -1.58 -20.40 5.40
C GLY B 229 -0.52 -20.19 4.34
N ILE B 230 0.41 -19.24 4.56
CA ILE B 230 1.48 -18.95 3.61
C ILE B 230 2.78 -19.71 3.89
N TYR B 231 3.33 -20.33 2.85
CA TYR B 231 4.68 -20.85 2.83
C TYR B 231 5.23 -20.67 1.42
N GLN B 232 6.25 -19.82 1.29
CA GLN B 232 6.86 -19.49 0.01
C GLN B 232 7.35 -20.74 -0.75
N LEU B 233 6.85 -20.90 -1.96
CA LEU B 233 7.25 -22.00 -2.83
C LEU B 233 8.59 -21.59 -3.50
N GLU B 234 9.46 -22.56 -3.74
CA GLU B 234 10.72 -22.31 -4.43
C GLU B 234 10.71 -23.14 -5.73
N LYS B 235 11.13 -22.55 -6.87
CA LYS B 235 11.13 -23.33 -8.12
C LYS B 235 12.19 -24.42 -8.07
N GLY B 236 11.74 -25.67 -8.18
CA GLY B 236 12.62 -26.82 -8.13
C GLY B 236 13.10 -27.15 -6.72
N ALA B 237 12.27 -26.84 -5.71
CA ALA B 237 12.64 -27.13 -4.33
C ALA B 237 12.53 -28.63 -4.07
N ARG B 238 13.52 -29.19 -3.39
CA ARG B 238 13.54 -30.61 -3.09
C ARG B 238 12.69 -30.93 -1.88
N LEU B 239 12.20 -32.17 -1.79
CA LEU B 239 11.37 -32.61 -0.67
C LEU B 239 12.08 -32.44 0.68
N GLN B 240 13.38 -32.75 0.72
CA GLN B 240 14.22 -32.61 1.93
C GLN B 240 14.23 -31.15 2.46
N GLU B 241 14.15 -30.17 1.56
CA GLU B 241 14.13 -28.75 1.97
C GLU B 241 12.78 -28.36 2.57
N ILE B 242 11.69 -28.93 2.05
CA ILE B 242 10.33 -28.64 2.54
C ILE B 242 10.10 -29.19 3.95
#